data_2QEI
#
_entry.id   2QEI
#
_cell.length_a   89.787
_cell.length_b   86.027
_cell.length_c   81.659
_cell.angle_alpha   90.00
_cell.angle_beta   95.98
_cell.angle_gamma   90.00
#
_symmetry.space_group_name_H-M   'C 1 2 1'
#
loop_
_entity.id
_entity.type
_entity.pdbx_description
1 polymer Transporter
2 non-polymer 'octyl beta-D-glucopyranoside'
3 non-polymer 'SODIUM ION'
4 non-polymer ALANINE
5 non-polymer 3-(3-CHLORO-5H-DIBENZO[B,F]AZEPIN-5-YL)-N,N-DIMETHYLPROPAN-1-AMINE
6 water water
#
_entity_poly.entity_id   1
_entity_poly.type   'polypeptide(L)'
_entity_poly.pdbx_seq_one_letter_code
;MEVKREHWATRLGLILAMAGNAVGLGNFLRFPVQAAENGGGAFMIPYIIAFLLVGIPLMWIEWAMGRYGGAQGHGTTPAI
FYLLWRNRFAKILGVFGLWIPLVVAIYYVYIESWTLGFAIKFLVGLVPEPPPNATDPDSILRPFKEFLYSYIGVPKGDEP
ILKPSLFAYIVFLITMFINVSILIRGISKGIERFAKIAMPTLFILAVFLVIRVFLLETPNGTAADGLNFLWTPDFEKLKD
PGVWIAAVGQIFFTLSLGFGAIITYASYVRKDQDIVLSGLTAATLNEKAEVILGGSISIPAAVAFFGVANAVAIAKAGAF
NLGFITLPAIFSQTAGGTFLGFLWFFLLFFAGLTSSIAIMQPMIAFLEDELKLSRKHAVLWTAAIVFFSAHLVMFLNKSL
DEMDFWAGTIGVVFFGLTELIIFFWIFGADKAWEEINRGGIIKVPRIYYYVMRYITPAFLAVLLVVWAREYIPKIMEETH
WTVWITRFYIIGLFLFLTFLVFLAERRRNHESAGTLVPR
;
_entity_poly.pdbx_strand_id   A
#
# COMPACT_ATOMS: atom_id res chain seq x y z
N LYS A 4 -9.58 27.87 -5.17
CA LYS A 4 -8.13 27.78 -5.55
C LYS A 4 -7.65 26.33 -5.46
N ARG A 5 -8.52 25.44 -5.00
CA ARG A 5 -8.16 24.03 -4.88
C ARG A 5 -8.12 23.36 -6.24
N GLU A 6 -7.11 22.53 -6.46
CA GLU A 6 -7.00 21.82 -7.73
C GLU A 6 -8.11 20.80 -7.83
N HIS A 7 -8.34 20.32 -9.05
CA HIS A 7 -9.35 19.30 -9.31
C HIS A 7 -8.76 18.42 -10.40
N TRP A 8 -9.15 17.14 -10.43
CA TRP A 8 -8.67 16.25 -11.47
C TRP A 8 -9.19 16.83 -12.79
N ALA A 9 -8.36 16.77 -13.82
CA ALA A 9 -8.73 17.31 -15.13
C ALA A 9 -9.75 16.49 -15.89
N THR A 10 -9.55 15.18 -15.95
CA THR A 10 -10.45 14.30 -16.68
C THR A 10 -10.89 13.10 -15.89
N ARG A 11 -11.97 12.46 -16.32
CA ARG A 11 -12.49 11.28 -15.65
C ARG A 11 -11.46 10.16 -15.76
N LEU A 12 -10.92 9.98 -16.95
CA LEU A 12 -9.90 8.96 -17.19
C LEU A 12 -8.72 9.15 -16.26
N GLY A 13 -8.23 10.38 -16.19
CA GLY A 13 -7.09 10.69 -15.33
C GLY A 13 -7.37 10.35 -13.89
N LEU A 14 -8.56 10.74 -13.41
CA LEU A 14 -8.96 10.46 -12.03
C LEU A 14 -8.91 8.97 -11.76
N ILE A 15 -9.54 8.20 -12.65
CA ILE A 15 -9.59 6.76 -12.53
C ILE A 15 -8.21 6.10 -12.53
N LEU A 16 -7.34 6.52 -13.44
CA LEU A 16 -6.00 5.93 -13.50
C LEU A 16 -5.14 6.37 -12.32
N ALA A 17 -5.36 7.59 -11.82
CA ALA A 17 -4.60 8.08 -10.67
C ALA A 17 -5.04 7.27 -9.44
N MET A 18 -6.34 7.08 -9.29
CA MET A 18 -6.86 6.31 -8.17
C MET A 18 -6.42 4.85 -8.31
N ALA A 19 -6.40 4.36 -9.54
CA ALA A 19 -5.97 2.99 -9.80
C ALA A 19 -4.49 2.84 -9.46
N GLY A 20 -3.70 3.87 -9.74
CA GLY A 20 -2.27 3.85 -9.44
C GLY A 20 -2.04 3.94 -7.94
N ASN A 21 -2.95 4.62 -7.25
CA ASN A 21 -2.89 4.77 -5.80
C ASN A 21 -2.95 3.34 -5.23
N ALA A 22 -3.95 2.58 -5.68
CA ALA A 22 -4.16 1.22 -5.22
C ALA A 22 -3.18 0.16 -5.74
N VAL A 23 -3.03 0.07 -7.06
CA VAL A 23 -2.13 -0.92 -7.68
C VAL A 23 -0.67 -0.62 -7.39
N GLY A 24 -0.07 -1.40 -6.51
CA GLY A 24 1.33 -1.16 -6.18
C GLY A 24 2.05 -2.41 -5.76
N LEU A 25 3.07 -2.24 -4.93
CA LEU A 25 3.87 -3.35 -4.44
C LEU A 25 2.99 -4.39 -3.75
N GLY A 26 1.88 -3.94 -3.17
CA GLY A 26 0.99 -4.86 -2.49
C GLY A 26 0.41 -5.91 -3.43
N ASN A 27 0.21 -5.55 -4.69
CA ASN A 27 -0.35 -6.48 -5.67
C ASN A 27 0.64 -7.53 -6.14
N PHE A 28 1.86 -7.09 -6.42
CA PHE A 28 2.87 -7.97 -6.96
C PHE A 28 3.82 -8.64 -5.99
N LEU A 29 3.95 -8.07 -4.79
CA LEU A 29 4.83 -8.64 -3.79
C LEU A 29 4.10 -9.18 -2.57
N ARG A 30 3.25 -8.35 -1.97
CA ARG A 30 2.52 -8.73 -0.75
C ARG A 30 1.46 -9.80 -0.98
N PHE A 31 0.60 -9.63 -1.98
CA PHE A 31 -0.45 -10.61 -2.24
C PHE A 31 0.05 -12.05 -2.41
N PRO A 32 1.06 -12.26 -3.28
CA PRO A 32 1.56 -13.63 -3.46
C PRO A 32 2.02 -14.28 -2.17
N VAL A 33 2.75 -13.53 -1.35
CA VAL A 33 3.24 -14.06 -0.08
C VAL A 33 2.08 -14.43 0.84
N GLN A 34 1.16 -13.50 1.02
CA GLN A 34 -0.01 -13.73 1.88
C GLN A 34 -0.80 -14.95 1.43
N ALA A 35 -1.07 -15.05 0.13
CA ALA A 35 -1.82 -16.17 -0.41
C ALA A 35 -1.05 -17.48 -0.28
N ALA A 36 0.23 -17.46 -0.64
CA ALA A 36 1.05 -18.67 -0.56
C ALA A 36 1.18 -19.22 0.85
N GLU A 37 1.43 -18.36 1.82
CA GLU A 37 1.60 -18.83 3.19
C GLU A 37 0.28 -19.16 3.88
N ASN A 38 -0.84 -18.80 3.26
CA ASN A 38 -2.15 -19.08 3.86
C ASN A 38 -2.96 -20.15 3.16
N GLY A 39 -2.27 -21.01 2.40
CA GLY A 39 -2.95 -22.10 1.72
C GLY A 39 -3.45 -21.87 0.31
N GLY A 40 -2.98 -20.80 -0.34
CA GLY A 40 -3.41 -20.52 -1.69
C GLY A 40 -4.92 -20.34 -1.82
N GLY A 41 -5.60 -21.35 -2.35
CA GLY A 41 -7.04 -21.27 -2.51
C GLY A 41 -7.79 -21.04 -1.21
N ALA A 42 -7.24 -21.55 -0.11
CA ALA A 42 -7.86 -21.40 1.20
C ALA A 42 -7.87 -19.93 1.63
N PHE A 43 -6.99 -19.14 1.02
CA PHE A 43 -6.90 -17.71 1.32
C PHE A 43 -7.94 -16.92 0.53
N MET A 44 -8.18 -17.37 -0.70
CA MET A 44 -9.09 -16.68 -1.61
C MET A 44 -10.55 -16.51 -1.19
N ILE A 45 -11.13 -17.49 -0.51
CA ILE A 45 -12.53 -17.34 -0.10
C ILE A 45 -12.67 -16.15 0.85
N PRO A 46 -11.91 -16.14 1.97
CA PRO A 46 -12.01 -15.03 2.92
C PRO A 46 -11.65 -13.71 2.23
N TYR A 47 -10.67 -13.77 1.33
CA TYR A 47 -10.21 -12.60 0.58
C TYR A 47 -11.35 -11.99 -0.22
N ILE A 48 -12.06 -12.83 -0.97
CA ILE A 48 -13.17 -12.35 -1.78
C ILE A 48 -14.27 -11.76 -0.91
N ILE A 49 -14.59 -12.46 0.18
CA ILE A 49 -15.61 -12.00 1.11
C ILE A 49 -15.22 -10.68 1.74
N ALA A 50 -13.95 -10.55 2.10
CA ALA A 50 -13.45 -9.32 2.70
C ALA A 50 -13.57 -8.18 1.70
N PHE A 51 -13.30 -8.46 0.43
CA PHE A 51 -13.40 -7.44 -0.60
C PHE A 51 -14.84 -6.92 -0.72
N LEU A 52 -15.79 -7.83 -0.55
CA LEU A 52 -17.21 -7.50 -0.66
C LEU A 52 -17.80 -6.83 0.58
N LEU A 53 -17.38 -7.29 1.76
CA LEU A 53 -17.91 -6.75 3.01
C LEU A 53 -17.07 -5.63 3.61
N VAL A 54 -15.86 -5.42 3.10
CA VAL A 54 -14.99 -4.37 3.63
C VAL A 54 -14.39 -3.49 2.55
N GLY A 55 -13.71 -4.12 1.59
CA GLY A 55 -13.08 -3.37 0.52
C GLY A 55 -13.98 -2.37 -0.20
N ILE A 56 -14.98 -2.88 -0.89
CA ILE A 56 -15.91 -2.05 -1.64
C ILE A 56 -16.59 -0.98 -0.79
N PRO A 57 -17.25 -1.36 0.31
CA PRO A 57 -17.93 -0.35 1.13
C PRO A 57 -17.02 0.75 1.68
N LEU A 58 -15.85 0.39 2.20
CA LEU A 58 -14.95 1.41 2.72
C LEU A 58 -14.42 2.29 1.60
N MET A 59 -14.26 1.73 0.41
CA MET A 59 -13.78 2.52 -0.73
C MET A 59 -14.77 3.67 -0.97
N TRP A 60 -16.05 3.35 -1.10
CA TRP A 60 -17.06 4.39 -1.32
C TRP A 60 -17.07 5.38 -0.18
N ILE A 61 -17.01 4.89 1.05
CA ILE A 61 -17.01 5.75 2.22
C ILE A 61 -15.85 6.74 2.18
N GLU A 62 -14.65 6.26 1.82
CA GLU A 62 -13.50 7.15 1.75
C GLU A 62 -13.60 8.15 0.61
N TRP A 63 -14.11 7.73 -0.54
CA TRP A 63 -14.29 8.66 -1.65
C TRP A 63 -15.28 9.76 -1.23
N ALA A 64 -16.37 9.34 -0.59
CA ALA A 64 -17.39 10.27 -0.14
C ALA A 64 -16.83 11.28 0.86
N MET A 65 -16.10 10.81 1.85
CA MET A 65 -15.53 11.68 2.86
C MET A 65 -14.58 12.68 2.22
N GLY A 66 -13.76 12.20 1.28
CA GLY A 66 -12.82 13.07 0.59
C GLY A 66 -13.50 14.15 -0.23
N ARG A 67 -14.45 13.76 -1.07
CA ARG A 67 -15.16 14.72 -1.90
C ARG A 67 -15.87 15.74 -1.01
N TYR A 68 -16.47 15.26 0.07
CA TYR A 68 -17.17 16.11 1.02
C TYR A 68 -16.20 17.14 1.60
N GLY A 69 -15.06 16.66 2.09
CA GLY A 69 -14.07 17.56 2.65
C GLY A 69 -13.53 18.54 1.65
N GLY A 70 -13.25 18.06 0.43
CA GLY A 70 -12.71 18.93 -0.60
C GLY A 70 -13.61 20.11 -0.92
N ALA A 71 -14.91 19.87 -0.92
CA ALA A 71 -15.88 20.91 -1.21
C ALA A 71 -15.70 22.09 -0.25
N GLN A 72 -15.18 21.81 0.93
CA GLN A 72 -14.97 22.85 1.92
C GLN A 72 -13.50 23.24 2.07
N GLY A 73 -12.67 22.81 1.12
CA GLY A 73 -11.25 23.13 1.17
C GLY A 73 -10.38 22.29 2.09
N HIS A 74 -10.83 21.09 2.42
CA HIS A 74 -10.07 20.21 3.31
C HIS A 74 -9.90 18.82 2.71
N GLY A 75 -8.66 18.35 2.63
CA GLY A 75 -8.43 17.04 2.07
C GLY A 75 -7.90 15.95 3.00
N THR A 76 -7.62 16.30 4.26
CA THR A 76 -7.12 15.32 5.21
C THR A 76 -8.04 15.15 6.41
N THR A 77 -7.92 13.98 7.06
CA THR A 77 -8.77 13.62 8.19
C THR A 77 -8.81 14.48 9.45
N PRO A 78 -7.71 15.19 9.80
CA PRO A 78 -7.85 15.99 11.02
C PRO A 78 -9.00 17.00 10.86
N ALA A 79 -9.09 17.59 9.68
CA ALA A 79 -10.14 18.57 9.42
C ALA A 79 -11.45 17.90 9.01
N ILE A 80 -11.36 16.91 8.13
CA ILE A 80 -12.55 16.21 7.66
C ILE A 80 -13.33 15.53 8.80
N PHE A 81 -12.60 14.88 9.72
CA PHE A 81 -13.25 14.23 10.86
C PHE A 81 -13.97 15.26 11.71
N TYR A 82 -13.39 16.46 11.80
CA TYR A 82 -13.98 17.52 12.60
C TYR A 82 -15.25 18.06 11.92
N LEU A 83 -15.26 18.02 10.60
CA LEU A 83 -16.43 18.49 9.86
C LEU A 83 -17.58 17.53 10.09
N LEU A 84 -17.27 16.25 10.23
CA LEU A 84 -18.26 15.20 10.45
C LEU A 84 -18.66 15.06 11.90
N TRP A 85 -17.78 15.46 12.80
CA TRP A 85 -18.01 15.36 14.23
C TRP A 85 -17.27 16.50 14.91
N ARG A 86 -17.99 17.56 15.22
CA ARG A 86 -17.39 18.73 15.84
C ARG A 86 -17.00 18.48 17.30
N ASN A 87 -15.95 17.68 17.47
CA ASN A 87 -15.42 17.34 18.78
C ASN A 87 -13.90 17.33 18.67
N ARG A 88 -13.24 17.93 19.65
CA ARG A 88 -11.78 18.00 19.64
C ARG A 88 -11.16 16.63 19.39
N PHE A 89 -11.79 15.59 19.93
CA PHE A 89 -11.28 14.24 19.76
C PHE A 89 -11.28 13.80 18.29
N ALA A 90 -12.12 14.43 17.47
CA ALA A 90 -12.16 14.07 16.06
C ALA A 90 -10.86 14.48 15.38
N LYS A 91 -10.32 15.63 15.80
CA LYS A 91 -9.07 16.14 15.24
C LYS A 91 -7.91 15.22 15.61
N ILE A 92 -7.91 14.74 16.85
CA ILE A 92 -6.85 13.85 17.33
C ILE A 92 -6.88 12.50 16.60
N LEU A 93 -8.06 11.90 16.47
CA LEU A 93 -8.18 10.63 15.77
C LEU A 93 -7.81 10.84 14.31
N GLY A 94 -8.13 12.03 13.81
CA GLY A 94 -7.81 12.38 12.44
C GLY A 94 -6.33 12.40 12.14
N VAL A 95 -5.51 12.57 13.18
CA VAL A 95 -4.06 12.60 13.00
C VAL A 95 -3.56 11.30 12.38
N PHE A 96 -4.25 10.20 12.65
CA PHE A 96 -3.86 8.90 12.08
C PHE A 96 -3.92 8.93 10.55
N GLY A 97 -4.71 9.86 10.02
CA GLY A 97 -4.86 9.99 8.57
C GLY A 97 -3.65 10.66 7.95
N LEU A 98 -2.73 11.11 8.79
CA LEU A 98 -1.50 11.73 8.34
C LEU A 98 -0.37 10.81 8.75
N TRP A 99 -0.45 10.32 9.98
CA TRP A 99 0.57 9.43 10.55
C TRP A 99 0.73 8.09 9.81
N ILE A 100 -0.38 7.40 9.57
CA ILE A 100 -0.31 6.11 8.88
C ILE A 100 0.37 6.21 7.52
N PRO A 101 -0.11 7.12 6.64
CA PRO A 101 0.53 7.25 5.32
C PRO A 101 1.99 7.71 5.40
N LEU A 102 2.29 8.55 6.37
CA LEU A 102 3.66 9.04 6.55
C LEU A 102 4.58 7.88 6.96
N VAL A 103 4.13 7.09 7.93
CA VAL A 103 4.94 5.96 8.39
C VAL A 103 5.08 4.92 7.29
N VAL A 104 4.01 4.66 6.53
CA VAL A 104 4.11 3.67 5.47
C VAL A 104 5.10 4.17 4.42
N ALA A 105 5.06 5.46 4.11
CA ALA A 105 5.97 6.03 3.12
C ALA A 105 7.43 5.88 3.54
N ILE A 106 7.68 6.01 4.83
CA ILE A 106 9.03 5.92 5.36
C ILE A 106 9.75 4.60 5.05
N TYR A 107 9.00 3.51 4.83
CA TYR A 107 9.64 2.25 4.44
C TYR A 107 9.23 1.86 3.03
N TYR A 108 8.05 2.27 2.60
CA TYR A 108 7.54 1.93 1.26
C TYR A 108 8.41 2.52 0.15
N VAL A 109 8.78 3.79 0.30
CA VAL A 109 9.61 4.42 -0.72
C VAL A 109 10.99 3.73 -0.78
N TYR A 110 11.48 3.26 0.36
CA TYR A 110 12.77 2.60 0.37
C TYR A 110 12.69 1.29 -0.42
N ILE A 111 11.63 0.50 -0.18
CA ILE A 111 11.47 -0.75 -0.90
C ILE A 111 11.32 -0.46 -2.40
N GLU A 112 10.60 0.62 -2.70
CA GLU A 112 10.40 1.05 -4.07
C GLU A 112 11.77 1.37 -4.68
N SER A 113 12.64 2.00 -3.91
CA SER A 113 13.97 2.32 -4.42
C SER A 113 14.76 1.07 -4.75
N TRP A 114 14.57 -0.02 -4.00
CA TRP A 114 15.28 -1.26 -4.32
C TRP A 114 14.90 -1.74 -5.72
N THR A 115 13.62 -1.63 -6.08
CA THR A 115 13.18 -2.08 -7.39
C THR A 115 13.82 -1.25 -8.49
N LEU A 116 14.01 0.04 -8.26
CA LEU A 116 14.65 0.89 -9.26
C LEU A 116 16.13 0.47 -9.38
N GLY A 117 16.77 0.24 -8.23
CA GLY A 117 18.17 -0.17 -8.25
C GLY A 117 18.36 -1.50 -8.95
N PHE A 118 17.48 -2.45 -8.66
CA PHE A 118 17.55 -3.76 -9.30
C PHE A 118 17.26 -3.62 -10.81
N ALA A 119 16.31 -2.76 -11.16
CA ALA A 119 15.97 -2.56 -12.58
C ALA A 119 17.23 -2.10 -13.32
N ILE A 120 17.92 -1.11 -12.74
CA ILE A 120 19.14 -0.58 -13.32
C ILE A 120 20.21 -1.67 -13.49
N LYS A 121 20.50 -2.40 -12.42
CA LYS A 121 21.52 -3.44 -12.50
C LYS A 121 21.15 -4.57 -13.44
N PHE A 122 19.87 -4.94 -13.50
CA PHE A 122 19.47 -6.02 -14.41
C PHE A 122 19.52 -5.53 -15.85
N LEU A 123 19.22 -4.25 -16.07
CA LEU A 123 19.24 -3.71 -17.42
C LEU A 123 20.65 -3.73 -17.98
N VAL A 124 21.62 -3.33 -17.16
CA VAL A 124 23.01 -3.29 -17.61
C VAL A 124 23.76 -4.61 -17.43
N GLY A 125 23.06 -5.64 -16.97
CA GLY A 125 23.70 -6.94 -16.81
C GLY A 125 24.65 -7.11 -15.63
N LEU A 126 24.57 -6.21 -14.66
CA LEU A 126 25.42 -6.30 -13.48
C LEU A 126 24.72 -7.17 -12.45
N VAL A 127 24.49 -8.43 -12.83
CA VAL A 127 23.80 -9.40 -12.00
C VAL A 127 24.63 -10.65 -11.79
N PRO A 128 24.23 -11.49 -10.81
CA PRO A 128 24.98 -12.72 -10.56
C PRO A 128 24.75 -13.76 -11.65
N GLU A 129 25.66 -14.71 -11.76
CA GLU A 129 25.56 -15.76 -12.76
C GLU A 129 25.70 -17.12 -12.08
N PRO A 130 24.59 -17.85 -11.90
CA PRO A 130 24.60 -19.17 -11.27
C PRO A 130 25.21 -20.23 -12.20
N PRO A 131 25.42 -21.45 -11.67
CA PRO A 131 25.99 -22.56 -12.46
C PRO A 131 24.94 -23.21 -13.35
N PRO A 132 25.33 -24.28 -14.08
CA PRO A 132 24.37 -24.97 -14.96
C PRO A 132 23.43 -25.89 -14.19
N THR A 135 22.05 -27.95 -11.73
CA THR A 135 20.61 -27.95 -11.51
C THR A 135 20.28 -27.76 -10.04
N ASP A 136 21.30 -27.88 -9.19
CA ASP A 136 21.12 -27.72 -7.74
C ASP A 136 20.47 -26.37 -7.43
N PRO A 137 19.34 -26.39 -6.69
CA PRO A 137 18.62 -25.18 -6.33
C PRO A 137 19.52 -24.10 -5.73
N ASP A 138 20.02 -24.36 -4.52
CA ASP A 138 20.88 -23.42 -3.82
C ASP A 138 22.01 -22.82 -4.62
N SER A 139 22.62 -23.61 -5.50
CA SER A 139 23.73 -23.10 -6.30
C SER A 139 23.24 -21.97 -7.21
N ILE A 140 21.95 -21.94 -7.48
CA ILE A 140 21.37 -20.91 -8.33
C ILE A 140 20.75 -19.78 -7.51
N LEU A 141 20.11 -20.13 -6.40
CA LEU A 141 19.46 -19.15 -5.54
C LEU A 141 20.42 -18.33 -4.66
N ARG A 142 21.47 -19.00 -4.15
CA ARG A 142 22.43 -18.32 -3.28
C ARG A 142 23.00 -17.04 -3.87
N PRO A 143 23.43 -17.07 -5.14
CA PRO A 143 23.97 -15.86 -5.74
C PRO A 143 22.98 -14.70 -5.70
N PHE A 144 21.71 -15.00 -5.91
CA PHE A 144 20.68 -13.97 -5.90
C PHE A 144 20.34 -13.51 -4.50
N LYS A 145 20.48 -14.42 -3.53
CA LYS A 145 20.23 -14.05 -2.14
C LYS A 145 21.34 -13.11 -1.71
N GLU A 146 22.58 -13.45 -2.04
CA GLU A 146 23.72 -12.61 -1.67
C GLU A 146 23.62 -11.25 -2.36
N PHE A 147 23.09 -11.25 -3.58
CA PHE A 147 22.91 -10.03 -4.35
C PHE A 147 22.01 -9.06 -3.57
N LEU A 148 20.86 -9.56 -3.10
CA LEU A 148 19.94 -8.73 -2.33
C LEU A 148 20.56 -8.33 -0.99
N TYR A 149 21.14 -9.31 -0.30
CA TYR A 149 21.74 -9.07 1.01
C TYR A 149 22.85 -8.02 0.96
N SER A 150 23.60 -7.98 -0.12
CA SER A 150 24.67 -6.99 -0.28
C SER A 150 24.09 -5.63 -0.61
N TYR A 151 22.94 -5.62 -1.29
CA TYR A 151 22.29 -4.39 -1.67
C TYR A 151 21.76 -3.64 -0.44
N ILE A 152 20.94 -4.32 0.35
CA ILE A 152 20.35 -3.69 1.54
C ILE A 152 21.23 -3.79 2.78
N GLY A 153 22.26 -4.63 2.70
CA GLY A 153 23.19 -4.79 3.81
C GLY A 153 22.74 -5.63 5.00
N VAL A 154 22.16 -6.80 4.75
CA VAL A 154 21.72 -7.68 5.83
C VAL A 154 22.88 -7.95 6.80
N PRO A 155 22.59 -7.96 8.12
CA PRO A 155 23.62 -8.20 9.14
C PRO A 155 24.34 -9.54 9.00
N LYS A 156 25.66 -9.50 9.12
CA LYS A 156 26.46 -10.72 9.05
C LYS A 156 26.89 -11.15 10.45
N GLY A 157 26.63 -10.28 11.43
CA GLY A 157 26.99 -10.57 12.81
C GLY A 157 25.80 -10.65 13.74
N ASP A 158 26.00 -10.23 14.99
CA ASP A 158 24.95 -10.26 15.99
C ASP A 158 24.22 -8.93 16.11
N GLU A 159 24.92 -7.84 15.79
CA GLU A 159 24.31 -6.52 15.86
C GLU A 159 23.17 -6.39 14.85
N PRO A 160 22.00 -5.90 15.31
CA PRO A 160 20.83 -5.73 14.44
C PRO A 160 20.97 -4.48 13.57
N ILE A 161 22.13 -4.36 12.93
CA ILE A 161 22.43 -3.22 12.09
C ILE A 161 22.56 -3.56 10.61
N LEU A 162 21.98 -2.71 9.77
CA LEU A 162 22.03 -2.91 8.31
C LEU A 162 23.09 -1.98 7.72
N LYS A 163 23.72 -2.42 6.63
CA LYS A 163 24.75 -1.62 5.97
C LYS A 163 24.44 -1.53 4.47
N PRO A 164 23.49 -0.67 4.06
CA PRO A 164 23.13 -0.52 2.65
C PRO A 164 24.32 -0.16 1.79
N SER A 165 24.39 -0.74 0.59
CA SER A 165 25.49 -0.44 -0.30
C SER A 165 25.39 1.03 -0.69
N LEU A 166 26.50 1.59 -1.16
CA LEU A 166 26.50 2.98 -1.60
C LEU A 166 25.49 3.16 -2.73
N PHE A 167 25.43 2.17 -3.62
CA PHE A 167 24.50 2.25 -4.75
C PHE A 167 23.05 2.31 -4.27
N ALA A 168 22.69 1.48 -3.29
CA ALA A 168 21.33 1.48 -2.76
C ALA A 168 20.96 2.83 -2.16
N TYR A 169 21.91 3.45 -1.47
CA TYR A 169 21.66 4.75 -0.83
C TYR A 169 21.41 5.83 -1.87
N ILE A 170 22.23 5.85 -2.91
CA ILE A 170 22.10 6.83 -3.97
C ILE A 170 20.79 6.61 -4.73
N VAL A 171 20.43 5.35 -4.98
CA VAL A 171 19.18 5.06 -5.68
C VAL A 171 17.98 5.51 -4.84
N PHE A 172 18.09 5.43 -3.52
CA PHE A 172 16.99 5.89 -2.67
C PHE A 172 16.86 7.40 -2.87
N LEU A 173 18.00 8.09 -2.89
CA LEU A 173 18.02 9.53 -3.12
C LEU A 173 17.34 9.85 -4.44
N ILE A 174 17.71 9.13 -5.50
CA ILE A 174 17.13 9.34 -6.83
C ILE A 174 15.62 9.06 -6.78
N THR A 175 15.24 7.99 -6.10
CA THR A 175 13.83 7.63 -5.99
C THR A 175 13.02 8.75 -5.33
N MET A 176 13.56 9.32 -4.26
CA MET A 176 12.88 10.42 -3.57
C MET A 176 12.75 11.58 -4.55
N PHE A 177 13.82 11.82 -5.31
CA PHE A 177 13.81 12.90 -6.30
C PHE A 177 12.70 12.72 -7.34
N ILE A 178 12.52 11.48 -7.79
CA ILE A 178 11.50 11.18 -8.78
C ILE A 178 10.09 11.40 -8.22
N ASN A 179 9.88 10.97 -6.98
CA ASN A 179 8.59 11.16 -6.32
C ASN A 179 8.31 12.67 -6.23
N VAL A 180 9.34 13.43 -5.87
CA VAL A 180 9.19 14.88 -5.74
C VAL A 180 8.90 15.53 -7.09
N SER A 181 9.58 15.10 -8.15
CA SER A 181 9.37 15.68 -9.47
C SER A 181 7.92 15.55 -9.93
N ILE A 182 7.23 14.51 -9.49
CA ILE A 182 5.83 14.33 -9.86
C ILE A 182 4.92 15.15 -8.94
N LEU A 183 5.12 15.01 -7.63
CA LEU A 183 4.30 15.72 -6.65
C LEU A 183 4.38 17.24 -6.74
N ILE A 184 5.56 17.77 -7.05
CA ILE A 184 5.73 19.20 -7.12
C ILE A 184 4.93 19.84 -8.25
N ARG A 185 4.48 19.02 -9.21
CA ARG A 185 3.68 19.52 -10.33
C ARG A 185 2.19 19.53 -9.96
N GLY A 186 1.87 18.98 -8.80
CA GLY A 186 0.48 18.97 -8.36
C GLY A 186 -0.40 17.83 -8.84
N ILE A 187 -1.70 18.00 -8.62
CA ILE A 187 -2.69 16.99 -8.98
C ILE A 187 -2.87 16.75 -10.48
N SER A 188 -3.38 17.73 -11.21
CA SER A 188 -3.62 17.55 -12.65
C SER A 188 -2.37 17.44 -13.50
N LYS A 189 -1.42 18.37 -13.33
CA LYS A 189 -0.19 18.35 -14.13
C LYS A 189 0.87 17.37 -13.63
N GLY A 190 0.71 16.87 -12.41
CA GLY A 190 1.69 15.95 -11.88
C GLY A 190 1.19 14.53 -11.77
N ILE A 191 0.44 14.26 -10.71
CA ILE A 191 -0.08 12.92 -10.46
C ILE A 191 -0.94 12.36 -11.59
N GLU A 192 -1.91 13.15 -12.05
CA GLU A 192 -2.81 12.70 -13.11
C GLU A 192 -2.06 12.43 -14.40
N ARG A 193 -1.24 13.39 -14.83
CA ARG A 193 -0.46 13.23 -16.05
C ARG A 193 0.41 11.98 -15.98
N PHE A 194 1.07 11.76 -14.86
CA PHE A 194 1.93 10.58 -14.71
C PHE A 194 1.14 9.28 -14.74
N ALA A 195 -0.02 9.26 -14.08
CA ALA A 195 -0.85 8.05 -14.05
C ALA A 195 -1.26 7.63 -15.46
N LYS A 196 -1.53 8.60 -16.33
CA LYS A 196 -1.94 8.27 -17.69
C LYS A 196 -0.82 7.59 -18.46
N ILE A 197 0.41 7.79 -18.02
CA ILE A 197 1.58 7.18 -18.65
C ILE A 197 1.95 5.86 -17.98
N ALA A 198 2.04 5.90 -16.66
CA ALA A 198 2.42 4.74 -15.87
C ALA A 198 1.48 3.54 -15.89
N MET A 199 0.18 3.78 -15.71
CA MET A 199 -0.77 2.70 -15.66
C MET A 199 -0.81 1.84 -16.93
N PRO A 200 -0.82 2.46 -18.13
CA PRO A 200 -0.83 1.66 -19.35
C PRO A 200 0.46 0.83 -19.42
N THR A 201 1.58 1.48 -19.10
CA THR A 201 2.88 0.83 -19.11
C THR A 201 2.87 -0.36 -18.15
N LEU A 202 2.37 -0.10 -16.95
CA LEU A 202 2.27 -1.11 -15.89
C LEU A 202 1.45 -2.32 -16.35
N PHE A 203 0.29 -2.04 -16.95
CA PHE A 203 -0.58 -3.11 -17.43
C PHE A 203 0.08 -3.98 -18.50
N ILE A 204 0.71 -3.33 -19.48
CA ILE A 204 1.38 -4.05 -20.56
C ILE A 204 2.54 -4.91 -20.05
N LEU A 205 3.36 -4.34 -19.17
CA LEU A 205 4.49 -5.07 -18.60
C LEU A 205 3.99 -6.31 -17.86
N ALA A 206 2.95 -6.13 -17.07
CA ALA A 206 2.38 -7.22 -16.28
C ALA A 206 1.83 -8.34 -17.15
N VAL A 207 1.07 -7.99 -18.19
CA VAL A 207 0.50 -9.00 -19.07
C VAL A 207 1.62 -9.78 -19.76
N PHE A 208 2.63 -9.08 -20.22
CA PHE A 208 3.76 -9.73 -20.88
C PHE A 208 4.44 -10.73 -19.94
N LEU A 209 4.66 -10.32 -18.69
CA LEU A 209 5.29 -11.19 -17.71
C LEU A 209 4.45 -12.43 -17.42
N VAL A 210 3.13 -12.26 -17.34
CA VAL A 210 2.25 -13.39 -17.07
C VAL A 210 2.38 -14.39 -18.23
N ILE A 211 2.34 -13.87 -19.44
CA ILE A 211 2.45 -14.71 -20.63
C ILE A 211 3.76 -15.48 -20.61
N ARG A 212 4.85 -14.79 -20.31
CA ARG A 212 6.16 -15.43 -20.26
C ARG A 212 6.21 -16.50 -19.16
N VAL A 213 5.68 -16.17 -17.98
CA VAL A 213 5.68 -17.13 -16.88
C VAL A 213 4.81 -18.35 -17.23
N PHE A 214 3.71 -18.11 -17.93
CA PHE A 214 2.82 -19.20 -18.31
C PHE A 214 3.48 -20.19 -19.27
N LEU A 215 4.65 -19.82 -19.79
CA LEU A 215 5.38 -20.69 -20.72
C LEU A 215 6.41 -21.53 -19.96
N LEU A 216 6.59 -21.21 -18.68
CA LEU A 216 7.54 -21.93 -17.84
C LEU A 216 7.08 -23.35 -17.57
N GLU A 217 8.02 -24.29 -17.65
CA GLU A 217 7.74 -25.69 -17.41
C GLU A 217 9.05 -26.40 -17.11
N THR A 218 9.04 -27.25 -16.09
CA THR A 218 10.23 -27.98 -15.70
C THR A 218 9.80 -29.37 -15.23
N PRO A 219 10.78 -30.25 -14.94
CA PRO A 219 10.45 -31.59 -14.48
C PRO A 219 9.59 -31.56 -13.21
N ASN A 220 9.61 -30.43 -12.51
CA ASN A 220 8.84 -30.28 -11.27
C ASN A 220 7.42 -29.76 -11.45
N GLY A 221 7.13 -29.22 -12.63
CA GLY A 221 5.78 -28.72 -12.83
C GLY A 221 5.64 -27.64 -13.89
N THR A 222 4.45 -27.05 -13.96
CA THR A 222 4.15 -26.00 -14.92
C THR A 222 3.45 -24.86 -14.19
N ALA A 223 3.31 -23.73 -14.88
CA ALA A 223 2.65 -22.56 -14.31
C ALA A 223 1.21 -22.91 -13.93
N ALA A 224 0.64 -23.86 -14.67
CA ALA A 224 -0.74 -24.29 -14.41
C ALA A 224 -0.88 -24.84 -12.99
N ASP A 225 0.15 -25.52 -12.51
CA ASP A 225 0.11 -26.08 -11.16
C ASP A 225 0.06 -24.95 -10.15
N GLY A 226 0.68 -23.83 -10.49
CA GLY A 226 0.68 -22.68 -9.60
C GLY A 226 -0.72 -22.10 -9.53
N LEU A 227 -1.35 -21.96 -10.68
CA LEU A 227 -2.69 -21.41 -10.74
C LEU A 227 -3.69 -22.30 -10.01
N ASN A 228 -3.57 -23.62 -10.18
CA ASN A 228 -4.49 -24.54 -9.52
C ASN A 228 -4.36 -24.43 -8.00
N PHE A 229 -3.14 -24.23 -7.53
CA PHE A 229 -2.90 -24.09 -6.10
C PHE A 229 -3.56 -22.83 -5.56
N LEU A 230 -3.54 -21.76 -6.35
CA LEU A 230 -4.12 -20.49 -5.92
C LEU A 230 -5.65 -20.43 -6.01
N TRP A 231 -6.22 -21.10 -7.00
CA TRP A 231 -7.66 -21.06 -7.20
C TRP A 231 -8.46 -22.31 -6.83
N THR A 232 -7.90 -23.15 -5.95
CA THR A 232 -8.58 -24.35 -5.50
C THR A 232 -8.98 -24.15 -4.04
N PRO A 233 -10.28 -24.00 -3.77
CA PRO A 233 -10.83 -23.78 -2.43
C PRO A 233 -10.46 -24.84 -1.39
N ASP A 234 -10.63 -24.47 -0.13
CA ASP A 234 -10.36 -25.34 1.01
C ASP A 234 -11.35 -24.95 2.09
N PHE A 235 -12.59 -25.38 1.92
CA PHE A 235 -13.68 -25.07 2.84
C PHE A 235 -13.47 -25.53 4.27
N GLU A 236 -12.30 -26.08 4.56
CA GLU A 236 -12.00 -26.55 5.91
C GLU A 236 -10.99 -25.61 6.57
N LYS A 237 -10.74 -24.49 5.90
CA LYS A 237 -9.79 -23.49 6.40
C LYS A 237 -10.54 -22.23 6.80
N LEU A 238 -11.80 -22.13 6.36
CA LEU A 238 -12.64 -20.98 6.66
C LEU A 238 -12.86 -20.76 8.15
N LYS A 239 -12.47 -21.75 8.95
CA LYS A 239 -12.64 -21.66 10.40
C LYS A 239 -11.37 -21.15 11.06
N ASP A 240 -10.35 -20.88 10.26
CA ASP A 240 -9.08 -20.40 10.76
C ASP A 240 -9.08 -18.86 10.84
N PRO A 241 -9.06 -18.32 12.07
CA PRO A 241 -9.07 -16.87 12.28
C PRO A 241 -7.89 -16.17 11.60
N GLY A 242 -6.70 -16.74 11.79
CA GLY A 242 -5.50 -16.16 11.21
C GLY A 242 -5.62 -15.88 9.72
N VAL A 243 -6.29 -16.77 9.00
CA VAL A 243 -6.47 -16.59 7.56
C VAL A 243 -7.33 -15.37 7.28
N TRP A 244 -8.36 -15.18 8.10
CA TRP A 244 -9.25 -14.03 7.95
C TRP A 244 -8.52 -12.73 8.25
N ILE A 245 -7.68 -12.74 9.29
CA ILE A 245 -6.92 -11.55 9.64
C ILE A 245 -5.99 -11.21 8.47
N ALA A 246 -5.38 -12.23 7.90
CA ALA A 246 -4.47 -12.04 6.78
C ALA A 246 -5.22 -11.49 5.56
N ALA A 247 -6.37 -12.09 5.26
CA ALA A 247 -7.17 -11.66 4.12
C ALA A 247 -7.65 -10.20 4.27
N VAL A 248 -8.20 -9.87 5.43
CA VAL A 248 -8.68 -8.51 5.63
C VAL A 248 -7.52 -7.53 5.60
N GLY A 249 -6.40 -7.92 6.20
CA GLY A 249 -5.23 -7.05 6.21
C GLY A 249 -4.79 -6.73 4.80
N GLN A 250 -4.76 -7.75 3.94
CA GLN A 250 -4.34 -7.57 2.55
C GLN A 250 -5.31 -6.67 1.78
N ILE A 251 -6.61 -6.85 2.03
CA ILE A 251 -7.62 -6.03 1.37
C ILE A 251 -7.41 -4.55 1.68
N PHE A 252 -7.14 -4.23 2.94
CA PHE A 252 -6.90 -2.84 3.33
C PHE A 252 -5.65 -2.30 2.64
N PHE A 253 -4.55 -3.02 2.79
CA PHE A 253 -3.29 -2.58 2.21
C PHE A 253 -3.37 -2.39 0.69
N THR A 254 -3.90 -3.40 0.00
CA THR A 254 -3.95 -3.34 -1.45
C THR A 254 -4.86 -2.25 -2.01
N LEU A 255 -5.94 -1.93 -1.30
CA LEU A 255 -6.85 -0.90 -1.78
C LEU A 255 -6.49 0.48 -1.23
N SER A 256 -5.42 0.55 -0.45
CA SER A 256 -4.97 1.81 0.15
C SER A 256 -6.03 2.36 1.11
N LEU A 257 -6.81 1.47 1.71
CA LEU A 257 -7.85 1.87 2.65
C LEU A 257 -7.26 2.04 4.04
N GLY A 258 -7.72 3.06 4.76
CA GLY A 258 -7.20 3.31 6.10
C GLY A 258 -5.90 4.09 6.10
N PHE A 259 -5.46 4.53 4.92
CA PHE A 259 -4.23 5.30 4.77
C PHE A 259 -4.50 6.80 4.70
N GLY A 260 -5.77 7.17 4.54
CA GLY A 260 -6.10 8.57 4.41
C GLY A 260 -5.74 9.05 3.01
N ALA A 261 -5.22 8.13 2.19
CA ALA A 261 -4.80 8.44 0.83
C ALA A 261 -5.95 8.49 -0.19
N ILE A 262 -6.89 7.55 -0.11
CA ILE A 262 -8.02 7.58 -1.03
C ILE A 262 -8.81 8.86 -0.72
N ILE A 263 -8.97 9.14 0.56
CA ILE A 263 -9.69 10.33 1.00
C ILE A 263 -9.07 11.60 0.42
N THR A 264 -7.74 11.71 0.53
CA THR A 264 -7.07 12.90 0.01
C THR A 264 -7.21 13.03 -1.50
N TYR A 265 -7.06 11.93 -2.24
CA TYR A 265 -7.22 12.00 -3.69
C TYR A 265 -8.66 12.40 -4.03
N ALA A 266 -9.63 11.86 -3.32
CA ALA A 266 -11.04 12.17 -3.56
C ALA A 266 -11.37 13.62 -3.24
N SER A 267 -10.52 14.28 -2.46
CA SER A 267 -10.78 15.67 -2.09
C SER A 267 -10.59 16.60 -3.28
N TYR A 268 -10.06 16.07 -4.37
CA TYR A 268 -9.84 16.87 -5.57
C TYR A 268 -10.90 16.58 -6.64
N VAL A 269 -11.88 15.75 -6.28
CA VAL A 269 -12.99 15.41 -7.17
C VAL A 269 -14.04 16.52 -7.00
N ARG A 270 -14.55 17.07 -8.08
CA ARG A 270 -15.56 18.12 -7.98
C ARG A 270 -16.74 17.67 -7.14
N LYS A 271 -17.29 18.59 -6.35
CA LYS A 271 -18.41 18.30 -5.46
C LYS A 271 -19.57 17.52 -6.06
N ASP A 272 -19.83 17.73 -7.34
CA ASP A 272 -20.92 17.08 -8.04
C ASP A 272 -20.54 15.76 -8.72
N GLN A 273 -19.26 15.59 -9.00
CA GLN A 273 -18.75 14.38 -9.66
C GLN A 273 -19.10 13.08 -8.98
N ASP A 274 -19.43 12.08 -9.79
CA ASP A 274 -19.76 10.74 -9.31
C ASP A 274 -18.56 10.14 -8.59
N ILE A 275 -18.83 9.30 -7.59
CA ILE A 275 -17.79 8.60 -6.86
C ILE A 275 -18.20 7.13 -6.72
N VAL A 276 -19.48 6.83 -6.96
CA VAL A 276 -19.97 5.47 -6.83
C VAL A 276 -19.36 4.55 -7.89
N LEU A 277 -19.53 4.92 -9.16
CA LEU A 277 -18.99 4.10 -10.25
C LEU A 277 -17.48 4.25 -10.33
N SER A 278 -17.00 5.47 -10.13
CA SER A 278 -15.57 5.76 -10.18
C SER A 278 -14.83 4.97 -9.10
N GLY A 279 -15.36 4.98 -7.89
CA GLY A 279 -14.74 4.25 -6.80
C GLY A 279 -14.74 2.76 -7.05
N LEU A 280 -15.88 2.24 -7.49
CA LEU A 280 -16.01 0.81 -7.78
C LEU A 280 -15.03 0.38 -8.86
N THR A 281 -14.87 1.21 -9.89
CA THR A 281 -13.97 0.92 -11.00
C THR A 281 -12.52 0.87 -10.53
N ALA A 282 -12.12 1.85 -9.73
CA ALA A 282 -10.76 1.87 -9.22
C ALA A 282 -10.50 0.60 -8.42
N ALA A 283 -11.46 0.23 -7.58
CA ALA A 283 -11.33 -0.96 -6.75
C ALA A 283 -11.26 -2.23 -7.59
N THR A 284 -12.09 -2.30 -8.63
CA THR A 284 -12.12 -3.46 -9.51
C THR A 284 -10.82 -3.57 -10.28
N LEU A 285 -10.31 -2.44 -10.75
CA LEU A 285 -9.06 -2.43 -11.48
C LEU A 285 -7.94 -3.00 -10.58
N ASN A 286 -7.92 -2.58 -9.31
CA ASN A 286 -6.91 -3.08 -8.41
C ASN A 286 -7.02 -4.59 -8.22
N GLU A 287 -8.24 -5.07 -8.02
CA GLU A 287 -8.44 -6.49 -7.81
C GLU A 287 -8.02 -7.33 -9.01
N LYS A 288 -8.26 -6.80 -10.21
CA LYS A 288 -7.87 -7.51 -11.43
C LYS A 288 -6.34 -7.60 -11.46
N ALA A 289 -5.68 -6.47 -11.24
CA ALA A 289 -4.22 -6.42 -11.24
C ALA A 289 -3.65 -7.34 -10.16
N GLU A 290 -4.35 -7.44 -9.04
CA GLU A 290 -3.88 -8.28 -7.94
C GLU A 290 -4.06 -9.78 -8.13
N VAL A 291 -5.31 -10.23 -8.28
CA VAL A 291 -5.57 -11.65 -8.43
C VAL A 291 -5.24 -12.23 -9.79
N ILE A 292 -5.40 -11.44 -10.84
CA ILE A 292 -5.11 -11.95 -12.18
C ILE A 292 -3.66 -11.75 -12.60
N LEU A 293 -3.13 -10.54 -12.41
CA LEU A 293 -1.75 -10.27 -12.79
C LEU A 293 -0.75 -10.65 -11.71
N GLY A 294 -0.86 -10.03 -10.54
CA GLY A 294 0.06 -10.33 -9.46
C GLY A 294 0.00 -11.79 -9.04
N GLY A 295 -1.20 -12.35 -9.05
CA GLY A 295 -1.36 -13.74 -8.66
C GLY A 295 -0.82 -14.74 -9.66
N SER A 296 -0.74 -14.34 -10.93
CA SER A 296 -0.26 -15.24 -11.99
C SER A 296 1.23 -15.16 -12.34
N ILE A 297 1.98 -14.30 -11.66
CA ILE A 297 3.40 -14.18 -11.96
C ILE A 297 4.33 -14.99 -11.05
N SER A 298 4.60 -14.49 -9.84
CA SER A 298 5.53 -15.19 -8.95
C SER A 298 5.11 -16.57 -8.41
N ILE A 299 3.85 -16.74 -8.02
CA ILE A 299 3.41 -18.04 -7.51
C ILE A 299 3.58 -19.14 -8.58
N PRO A 300 3.02 -18.94 -9.78
CA PRO A 300 3.15 -19.95 -10.83
C PRO A 300 4.60 -20.22 -11.22
N ALA A 301 5.42 -19.18 -11.26
CA ALA A 301 6.82 -19.36 -11.62
C ALA A 301 7.52 -20.22 -10.58
N ALA A 302 7.31 -19.90 -9.31
CA ALA A 302 7.93 -20.64 -8.21
C ALA A 302 7.44 -22.09 -8.19
N VAL A 303 6.14 -22.29 -8.35
CA VAL A 303 5.57 -23.62 -8.34
C VAL A 303 6.08 -24.43 -9.53
N ALA A 304 6.13 -23.81 -10.69
CA ALA A 304 6.61 -24.50 -11.90
C ALA A 304 8.02 -25.05 -11.72
N PHE A 305 8.88 -24.28 -11.06
CA PHE A 305 10.26 -24.70 -10.85
C PHE A 305 10.57 -25.52 -9.59
N PHE A 306 9.88 -25.25 -8.50
CA PHE A 306 10.14 -25.96 -7.25
C PHE A 306 9.00 -26.81 -6.70
N GLY A 307 7.83 -26.72 -7.31
CA GLY A 307 6.69 -27.48 -6.82
C GLY A 307 5.98 -26.65 -5.76
N VAL A 308 4.75 -27.02 -5.45
CA VAL A 308 3.96 -26.28 -4.46
C VAL A 308 4.56 -26.23 -3.06
N ALA A 309 4.90 -27.40 -2.51
CA ALA A 309 5.47 -27.46 -1.17
C ALA A 309 6.67 -26.54 -0.98
N ASN A 310 7.60 -26.56 -1.92
CA ASN A 310 8.78 -25.72 -1.83
C ASN A 310 8.45 -24.25 -2.05
N ALA A 311 7.50 -23.98 -2.96
CA ALA A 311 7.11 -22.60 -3.23
C ALA A 311 6.58 -21.99 -1.94
N VAL A 312 5.70 -22.72 -1.26
CA VAL A 312 5.11 -22.25 0.00
C VAL A 312 6.20 -21.97 1.04
N ALA A 313 7.17 -22.87 1.14
CA ALA A 313 8.27 -22.71 2.09
C ALA A 313 9.05 -21.43 1.82
N ILE A 314 9.24 -21.11 0.54
CA ILE A 314 9.97 -19.91 0.14
C ILE A 314 9.21 -18.68 0.63
N ALA A 315 7.90 -18.67 0.42
CA ALA A 315 7.05 -17.56 0.83
C ALA A 315 7.06 -17.39 2.35
N LYS A 316 6.91 -18.50 3.07
CA LYS A 316 6.92 -18.44 4.53
C LYS A 316 8.27 -17.96 5.03
N ALA A 317 9.32 -18.18 4.24
CA ALA A 317 10.65 -17.73 4.61
C ALA A 317 10.58 -16.20 4.54
N GLY A 318 9.56 -15.73 3.83
CA GLY A 318 9.34 -14.30 3.67
C GLY A 318 10.62 -13.55 3.34
N ALA A 319 10.88 -12.48 4.10
CA ALA A 319 12.07 -11.66 3.92
C ALA A 319 12.31 -11.25 2.47
N PHE A 320 11.23 -10.96 1.74
CA PHE A 320 11.32 -10.52 0.35
C PHE A 320 11.91 -11.56 -0.60
N ASN A 321 11.97 -12.81 -0.15
CA ASN A 321 12.55 -13.88 -0.97
C ASN A 321 11.93 -14.06 -2.35
N LEU A 322 10.61 -14.23 -2.38
CA LEU A 322 9.89 -14.47 -3.61
C LEU A 322 10.13 -13.48 -4.76
N GLY A 323 9.90 -12.19 -4.49
CA GLY A 323 10.06 -11.19 -5.52
C GLY A 323 11.46 -10.70 -5.84
N PHE A 324 12.34 -10.68 -4.84
CA PHE A 324 13.69 -10.17 -5.06
C PHE A 324 14.77 -11.23 -5.25
N ILE A 325 14.48 -12.46 -4.87
CA ILE A 325 15.47 -13.52 -4.99
C ILE A 325 15.02 -14.65 -5.91
N THR A 326 13.92 -15.28 -5.55
CA THR A 326 13.40 -16.42 -6.30
C THR A 326 13.01 -16.14 -7.74
N LEU A 327 12.15 -15.16 -7.99
CA LEU A 327 11.72 -14.88 -9.35
C LEU A 327 12.88 -14.58 -10.29
N PRO A 328 13.80 -13.68 -9.88
CA PRO A 328 14.93 -13.39 -10.78
C PRO A 328 15.83 -14.60 -10.99
N ALA A 329 16.02 -15.41 -9.95
CA ALA A 329 16.84 -16.60 -10.05
C ALA A 329 16.22 -17.54 -11.08
N ILE A 330 14.91 -17.69 -11.02
CA ILE A 330 14.19 -18.55 -11.95
C ILE A 330 14.34 -18.02 -13.38
N PHE A 331 14.15 -16.71 -13.55
CA PHE A 331 14.29 -16.10 -14.86
C PHE A 331 15.69 -16.30 -15.44
N SER A 332 16.70 -16.24 -14.57
CA SER A 332 18.08 -16.38 -15.01
C SER A 332 18.33 -17.71 -15.70
N GLN A 333 17.43 -18.67 -15.51
CA GLN A 333 17.56 -19.99 -16.13
C GLN A 333 16.96 -20.04 -17.53
N THR A 334 16.43 -18.92 -18.01
CA THR A 334 15.82 -18.86 -19.33
C THR A 334 16.53 -17.86 -20.24
N ALA A 335 16.46 -18.08 -21.55
CA ALA A 335 17.08 -17.17 -22.51
C ALA A 335 16.43 -15.80 -22.38
N GLY A 336 17.25 -14.76 -22.28
CA GLY A 336 16.74 -13.41 -22.14
C GLY A 336 16.20 -13.19 -20.74
N GLY A 337 16.58 -14.08 -19.83
CA GLY A 337 16.12 -14.00 -18.45
C GLY A 337 16.54 -12.77 -17.65
N THR A 338 17.69 -12.21 -17.99
CA THR A 338 18.16 -11.04 -17.27
C THR A 338 17.29 -9.85 -17.68
N PHE A 339 16.93 -9.77 -18.95
CA PHE A 339 16.08 -8.68 -19.42
C PHE A 339 14.69 -8.87 -18.79
N LEU A 340 14.29 -10.12 -18.66
CA LEU A 340 13.00 -10.45 -18.07
C LEU A 340 12.99 -9.94 -16.62
N GLY A 341 14.13 -10.08 -15.96
CA GLY A 341 14.27 -9.60 -14.59
C GLY A 341 14.13 -8.09 -14.57
N PHE A 342 14.73 -7.43 -15.56
CA PHE A 342 14.63 -5.98 -15.67
C PHE A 342 13.17 -5.56 -15.78
N LEU A 343 12.42 -6.21 -16.67
CA LEU A 343 11.01 -5.87 -16.86
C LEU A 343 10.21 -6.01 -15.56
N TRP A 344 10.51 -7.05 -14.79
CA TRP A 344 9.85 -7.31 -13.52
C TRP A 344 10.12 -6.16 -12.55
N PHE A 345 11.38 -5.80 -12.36
CA PHE A 345 11.70 -4.72 -11.45
C PHE A 345 11.24 -3.36 -11.95
N PHE A 346 11.19 -3.18 -13.26
CA PHE A 346 10.71 -1.91 -13.80
C PHE A 346 9.20 -1.84 -13.50
N LEU A 347 8.51 -2.97 -13.67
CA LEU A 347 7.08 -3.05 -13.37
C LEU A 347 6.85 -2.71 -11.90
N LEU A 348 7.62 -3.32 -11.01
CA LEU A 348 7.49 -3.07 -9.58
C LEU A 348 7.74 -1.59 -9.26
N PHE A 349 8.72 -0.99 -9.93
CA PHE A 349 9.03 0.40 -9.69
C PHE A 349 7.87 1.32 -10.05
N PHE A 350 7.30 1.15 -11.24
CA PHE A 350 6.16 1.99 -11.63
C PHE A 350 4.97 1.74 -10.72
N ALA A 351 4.77 0.49 -10.31
CA ALA A 351 3.67 0.15 -9.42
C ALA A 351 3.89 0.84 -8.06
N GLY A 352 5.12 0.82 -7.57
CA GLY A 352 5.41 1.45 -6.29
C GLY A 352 5.36 2.98 -6.38
N LEU A 353 5.93 3.54 -7.43
CA LEU A 353 5.95 5.00 -7.60
C LEU A 353 4.55 5.63 -7.65
N THR A 354 3.63 5.01 -8.40
CA THR A 354 2.27 5.53 -8.50
C THR A 354 1.56 5.45 -7.15
N SER A 355 2.04 4.57 -6.27
CA SER A 355 1.45 4.42 -4.93
C SER A 355 2.14 5.32 -3.89
N SER A 356 3.46 5.48 -3.99
CA SER A 356 4.16 6.32 -3.02
C SER A 356 3.77 7.79 -3.17
N ILE A 357 3.51 8.26 -4.40
CA ILE A 357 3.10 9.65 -4.53
C ILE A 357 1.74 9.81 -3.84
N ALA A 358 0.93 8.77 -3.90
CA ALA A 358 -0.38 8.80 -3.27
C ALA A 358 -0.31 8.83 -1.75
N ILE A 359 0.64 8.09 -1.16
CA ILE A 359 0.73 8.08 0.29
C ILE A 359 1.45 9.28 0.90
N MET A 360 2.11 10.06 0.05
N MET A 360 2.11 10.08 0.06
CA MET A 360 2.81 11.26 0.52
CA MET A 360 2.78 11.27 0.58
C MET A 360 1.93 12.49 0.37
C MET A 360 1.91 12.51 0.39
N GLN A 361 0.95 12.41 -0.54
CA GLN A 361 0.05 13.53 -0.81
C GLN A 361 -0.79 13.97 0.41
N PRO A 362 -1.11 13.05 1.34
CA PRO A 362 -1.91 13.48 2.50
C PRO A 362 -1.19 14.53 3.34
N MET A 363 0.10 14.31 3.59
CA MET A 363 0.89 15.26 4.36
C MET A 363 1.02 16.56 3.55
N ILE A 364 1.17 16.43 2.25
CA ILE A 364 1.29 17.61 1.39
C ILE A 364 0.00 18.43 1.46
N ALA A 365 -1.13 17.74 1.33
CA ALA A 365 -2.45 18.40 1.37
C ALA A 365 -2.69 19.08 2.71
N PHE A 366 -2.29 18.42 3.80
CA PHE A 366 -2.46 18.99 5.13
C PHE A 366 -1.67 20.30 5.24
N LEU A 367 -0.41 20.27 4.83
CA LEU A 367 0.44 21.45 4.90
C LEU A 367 -0.10 22.59 4.03
N GLU A 368 -0.65 22.25 2.86
CA GLU A 368 -1.20 23.27 1.98
C GLU A 368 -2.54 23.77 2.49
N ASP A 369 -3.45 22.84 2.78
CA ASP A 369 -4.79 23.18 3.25
C ASP A 369 -4.86 23.84 4.61
N GLU A 370 -4.19 23.25 5.59
CA GLU A 370 -4.24 23.73 6.96
C GLU A 370 -3.17 24.70 7.44
N LEU A 371 -1.93 24.56 6.96
CA LEU A 371 -0.88 25.48 7.38
C LEU A 371 -0.55 26.48 6.29
N LYS A 372 -1.30 26.40 5.19
CA LYS A 372 -1.16 27.32 4.07
C LYS A 372 0.20 27.41 3.41
N LEU A 373 0.95 26.32 3.39
CA LEU A 373 2.24 26.35 2.73
C LEU A 373 1.98 26.26 1.23
N SER A 374 2.93 26.75 0.44
CA SER A 374 2.80 26.66 -1.01
C SER A 374 3.02 25.18 -1.35
N ARG A 375 2.57 24.74 -2.51
CA ARG A 375 2.75 23.33 -2.87
C ARG A 375 4.24 22.97 -2.87
N LYS A 376 5.06 23.86 -3.40
CA LYS A 376 6.49 23.62 -3.45
C LYS A 376 7.04 23.31 -2.05
N HIS A 377 6.78 24.20 -1.11
CA HIS A 377 7.28 24.02 0.25
C HIS A 377 6.69 22.79 0.92
N ALA A 378 5.39 22.56 0.71
CA ALA A 378 4.73 21.39 1.31
C ALA A 378 5.37 20.10 0.82
N VAL A 379 5.65 20.03 -0.48
CA VAL A 379 6.26 18.85 -1.06
C VAL A 379 7.68 18.64 -0.55
N LEU A 380 8.45 19.72 -0.54
CA LEU A 380 9.85 19.62 -0.08
C LEU A 380 9.98 19.22 1.38
N TRP A 381 9.18 19.81 2.26
CA TRP A 381 9.24 19.44 3.67
C TRP A 381 8.78 18.01 3.89
N THR A 382 7.76 17.59 3.14
CA THR A 382 7.25 16.22 3.28
C THR A 382 8.36 15.23 2.88
N ALA A 383 9.01 15.50 1.76
CA ALA A 383 10.10 14.64 1.28
C ALA A 383 11.24 14.61 2.28
N ALA A 384 11.55 15.76 2.88
CA ALA A 384 12.64 15.85 3.85
C ALA A 384 12.33 14.99 5.07
N ILE A 385 11.07 15.00 5.51
CA ILE A 385 10.67 14.22 6.67
C ILE A 385 10.74 12.74 6.34
N VAL A 386 10.28 12.36 5.15
CA VAL A 386 10.31 10.97 4.75
C VAL A 386 11.76 10.51 4.55
N PHE A 387 12.56 11.34 3.89
CA PHE A 387 13.95 11.01 3.64
C PHE A 387 14.73 10.78 4.93
N PHE A 388 14.63 11.75 5.84
CA PHE A 388 15.32 11.66 7.11
C PHE A 388 14.89 10.42 7.91
N SER A 389 13.59 10.29 8.13
CA SER A 389 13.02 9.17 8.88
C SER A 389 13.37 7.81 8.30
N ALA A 390 13.50 7.74 6.98
CA ALA A 390 13.82 6.49 6.32
C ALA A 390 15.17 5.92 6.74
N HIS A 391 16.05 6.75 7.29
CA HIS A 391 17.35 6.26 7.72
C HIS A 391 17.19 5.21 8.82
N LEU A 392 16.08 5.26 9.55
CA LEU A 392 15.83 4.28 10.59
C LEU A 392 15.56 2.91 9.93
N VAL A 393 14.76 2.93 8.86
CA VAL A 393 14.43 1.72 8.13
C VAL A 393 15.66 1.17 7.39
N MET A 394 16.51 2.07 6.91
CA MET A 394 17.71 1.66 6.16
C MET A 394 18.84 1.07 7.00
N PHE A 395 18.94 1.49 8.26
CA PHE A 395 20.05 1.04 9.11
C PHE A 395 19.73 0.14 10.31
N LEU A 396 18.48 0.10 10.73
CA LEU A 396 18.10 -0.74 11.88
C LEU A 396 17.30 -1.95 11.42
N ASN A 397 17.90 -3.13 11.57
CA ASN A 397 17.23 -4.35 11.16
C ASN A 397 15.90 -4.52 11.88
N LYS A 398 14.86 -4.85 11.13
CA LYS A 398 13.50 -5.05 11.67
C LYS A 398 12.69 -3.79 11.92
N SER A 399 13.26 -2.62 11.66
CA SER A 399 12.51 -1.38 11.84
C SER A 399 11.38 -1.37 10.81
N LEU A 400 11.71 -1.78 9.59
CA LEU A 400 10.73 -1.84 8.51
C LEU A 400 9.53 -2.70 8.96
N ASP A 401 9.81 -3.88 9.49
CA ASP A 401 8.74 -4.78 9.94
C ASP A 401 7.86 -4.13 11.01
N GLU A 402 8.49 -3.44 11.95
CA GLU A 402 7.76 -2.79 13.04
C GLU A 402 6.80 -1.71 12.50
N MET A 403 7.29 -0.87 11.59
CA MET A 403 6.46 0.19 11.01
C MET A 403 5.33 -0.40 10.18
N ASP A 404 5.65 -1.43 9.41
CA ASP A 404 4.64 -2.07 8.57
C ASP A 404 3.54 -2.68 9.44
N PHE A 405 3.90 -3.14 10.63
CA PHE A 405 2.90 -3.71 11.51
C PHE A 405 1.98 -2.65 12.11
N TRP A 406 2.56 -1.70 12.84
CA TRP A 406 1.76 -0.67 13.49
C TRP A 406 0.96 0.25 12.56
N ALA A 407 1.57 0.70 11.48
CA ALA A 407 0.86 1.57 10.55
C ALA A 407 0.16 0.79 9.44
N GLY A 408 0.94 0.04 8.68
CA GLY A 408 0.40 -0.71 7.55
C GLY A 408 -0.48 -1.92 7.79
N THR A 409 -0.58 -2.37 9.04
CA THR A 409 -1.40 -3.55 9.32
C THR A 409 -2.47 -3.26 10.37
N ILE A 410 -2.06 -3.04 11.61
CA ILE A 410 -3.00 -2.72 12.68
C ILE A 410 -3.62 -1.35 12.47
N GLY A 411 -2.77 -0.38 12.15
CA GLY A 411 -3.22 0.98 11.94
C GLY A 411 -4.32 1.16 10.92
N VAL A 412 -4.13 0.61 9.72
CA VAL A 412 -5.14 0.75 8.68
C VAL A 412 -6.49 0.15 9.04
N VAL A 413 -6.50 -1.00 9.71
CA VAL A 413 -7.76 -1.63 10.09
C VAL A 413 -8.47 -0.80 11.15
N PHE A 414 -7.71 -0.33 12.15
CA PHE A 414 -8.24 0.50 13.21
C PHE A 414 -8.79 1.81 12.62
N PHE A 415 -8.06 2.40 11.69
CA PHE A 415 -8.51 3.66 11.10
C PHE A 415 -9.73 3.43 10.21
N GLY A 416 -9.78 2.28 9.55
CA GLY A 416 -10.92 1.98 8.70
C GLY A 416 -12.18 1.93 9.53
N LEU A 417 -12.11 1.27 10.69
CA LEU A 417 -13.26 1.17 11.58
C LEU A 417 -13.62 2.56 12.11
N THR A 418 -12.59 3.32 12.47
CA THR A 418 -12.76 4.67 12.99
C THR A 418 -13.50 5.57 12.00
N GLU A 419 -13.01 5.63 10.76
CA GLU A 419 -13.64 6.48 9.77
C GLU A 419 -15.08 6.04 9.51
N LEU A 420 -15.33 4.73 9.51
CA LEU A 420 -16.69 4.25 9.27
C LEU A 420 -17.63 4.68 10.39
N ILE A 421 -17.17 4.54 11.63
CA ILE A 421 -17.97 4.92 12.80
C ILE A 421 -18.30 6.41 12.77
N ILE A 422 -17.29 7.23 12.51
CA ILE A 422 -17.49 8.68 12.47
C ILE A 422 -18.43 9.10 11.34
N PHE A 423 -18.25 8.51 10.16
CA PHE A 423 -19.08 8.85 9.00
C PHE A 423 -20.47 8.25 9.00
N PHE A 424 -20.57 6.95 9.26
CA PHE A 424 -21.87 6.27 9.25
C PHE A 424 -22.63 6.19 10.57
N TRP A 425 -21.95 6.46 11.68
CA TRP A 425 -22.62 6.41 12.98
C TRP A 425 -22.79 7.76 13.65
N ILE A 426 -21.72 8.55 13.67
CA ILE A 426 -21.76 9.86 14.30
C ILE A 426 -22.32 10.94 13.39
N PHE A 427 -21.79 11.03 12.17
CA PHE A 427 -22.25 12.01 11.21
C PHE A 427 -23.71 11.70 10.87
N GLY A 428 -24.04 10.42 10.75
CA GLY A 428 -25.40 10.03 10.45
C GLY A 428 -25.50 9.10 9.26
N ALA A 429 -25.98 7.89 9.49
CA ALA A 429 -26.11 6.90 8.43
C ALA A 429 -26.87 7.42 7.20
N ASP A 430 -28.01 8.05 7.42
CA ASP A 430 -28.79 8.56 6.30
C ASP A 430 -28.08 9.70 5.58
N LYS A 431 -27.43 10.57 6.34
CA LYS A 431 -26.70 11.68 5.75
C LYS A 431 -25.50 11.12 4.95
N ALA A 432 -24.85 10.10 5.50
CA ALA A 432 -23.70 9.49 4.84
C ALA A 432 -24.13 8.79 3.56
N TRP A 433 -25.19 7.99 3.65
CA TRP A 433 -25.71 7.26 2.51
C TRP A 433 -26.09 8.25 1.41
N GLU A 434 -26.75 9.33 1.80
CA GLU A 434 -27.14 10.36 0.85
C GLU A 434 -25.88 10.97 0.22
N GLU A 435 -24.89 11.27 1.04
CA GLU A 435 -23.64 11.87 0.55
C GLU A 435 -22.87 10.99 -0.44
N ILE A 436 -22.86 9.69 -0.19
CA ILE A 436 -22.17 8.75 -1.08
C ILE A 436 -22.84 8.69 -2.46
N ASN A 437 -24.16 8.56 -2.46
CA ASN A 437 -24.92 8.46 -3.71
C ASN A 437 -25.08 9.74 -4.52
N ARG A 438 -24.99 10.88 -3.86
CA ARG A 438 -25.15 12.17 -4.54
C ARG A 438 -24.24 12.28 -5.77
N GLY A 439 -24.86 12.52 -6.92
CA GLY A 439 -24.12 12.65 -8.17
C GLY A 439 -23.65 11.35 -8.79
N GLY A 440 -24.02 10.24 -8.18
CA GLY A 440 -23.59 8.95 -8.68
C GLY A 440 -24.14 8.59 -10.05
N ILE A 441 -23.28 8.12 -10.94
CA ILE A 441 -23.71 7.71 -12.26
C ILE A 441 -24.60 6.48 -12.04
N ILE A 442 -24.36 5.81 -10.92
CA ILE A 442 -25.15 4.65 -10.51
C ILE A 442 -25.35 4.77 -9.00
N LYS A 443 -26.36 4.09 -8.47
CA LYS A 443 -26.64 4.13 -7.05
C LYS A 443 -25.97 2.93 -6.38
N VAL A 444 -25.64 3.06 -5.11
CA VAL A 444 -25.04 1.96 -4.39
C VAL A 444 -26.18 0.99 -4.06
N PRO A 445 -25.97 -0.31 -4.31
CA PRO A 445 -27.02 -1.30 -4.02
C PRO A 445 -27.61 -1.11 -2.62
N ARG A 446 -28.94 -1.20 -2.55
CA ARG A 446 -29.69 -1.04 -1.32
C ARG A 446 -29.10 -1.80 -0.14
N ILE A 447 -28.75 -3.07 -0.36
CA ILE A 447 -28.21 -3.91 0.70
C ILE A 447 -26.97 -3.34 1.39
N TYR A 448 -26.12 -2.65 0.64
CA TYR A 448 -24.90 -2.10 1.21
C TYR A 448 -25.10 -1.07 2.32
N TYR A 449 -26.31 -0.53 2.43
CA TYR A 449 -26.59 0.44 3.48
C TYR A 449 -26.46 -0.29 4.82
N TYR A 450 -27.01 -1.50 4.86
CA TYR A 450 -26.99 -2.33 6.06
C TYR A 450 -25.62 -2.95 6.28
N VAL A 451 -24.86 -3.13 5.21
CA VAL A 451 -23.51 -3.67 5.33
C VAL A 451 -22.63 -2.62 5.99
N MET A 452 -22.73 -1.40 5.49
CA MET A 452 -21.94 -0.29 6.02
C MET A 452 -22.30 0.09 7.45
N ARG A 453 -23.59 0.10 7.76
CA ARG A 453 -24.05 0.47 9.09
C ARG A 453 -23.88 -0.61 10.16
N TYR A 454 -24.05 -1.86 9.77
CA TYR A 454 -23.96 -2.96 10.74
C TYR A 454 -22.89 -4.02 10.52
N ILE A 455 -22.85 -4.59 9.32
CA ILE A 455 -21.90 -5.66 9.01
C ILE A 455 -20.43 -5.29 9.06
N THR A 456 -20.03 -4.32 8.25
CA THR A 456 -18.62 -3.92 8.20
C THR A 456 -18.03 -3.59 9.58
N PRO A 457 -18.66 -2.67 10.32
CA PRO A 457 -18.09 -2.34 11.64
C PRO A 457 -18.02 -3.54 12.59
N ALA A 458 -19.08 -4.34 12.64
CA ALA A 458 -19.10 -5.52 13.50
C ALA A 458 -18.01 -6.51 13.09
N PHE A 459 -17.84 -6.66 11.79
CA PHE A 459 -16.83 -7.55 11.23
C PHE A 459 -15.43 -7.09 11.64
N LEU A 460 -15.16 -5.80 11.48
CA LEU A 460 -13.85 -5.25 11.84
C LEU A 460 -13.62 -5.24 13.36
N ALA A 461 -14.68 -4.91 14.11
CA ALA A 461 -14.58 -4.86 15.57
C ALA A 461 -14.16 -6.22 16.10
N VAL A 462 -14.80 -7.28 15.64
CA VAL A 462 -14.48 -8.63 16.07
C VAL A 462 -13.03 -8.94 15.71
N LEU A 463 -12.68 -8.68 14.45
CA LEU A 463 -11.34 -8.92 13.94
C LEU A 463 -10.29 -8.30 14.86
N LEU A 464 -10.45 -7.02 15.15
CA LEU A 464 -9.51 -6.31 16.01
C LEU A 464 -9.43 -6.93 17.41
N VAL A 465 -10.58 -7.30 17.96
CA VAL A 465 -10.62 -7.91 19.29
C VAL A 465 -9.81 -9.21 19.29
N VAL A 466 -10.17 -10.13 18.41
CA VAL A 466 -9.48 -11.40 18.31
C VAL A 466 -7.99 -11.17 18.07
N TRP A 467 -7.69 -10.16 17.27
CA TRP A 467 -6.32 -9.82 16.92
C TRP A 467 -5.49 -9.44 18.16
N ALA A 468 -5.94 -8.42 18.87
CA ALA A 468 -5.25 -7.94 20.06
C ALA A 468 -5.20 -8.92 21.22
N ARG A 469 -6.12 -9.88 21.24
CA ARG A 469 -6.15 -10.85 22.33
C ARG A 469 -5.38 -12.14 22.06
N GLU A 470 -5.33 -12.57 20.81
CA GLU A 470 -4.65 -13.81 20.48
C GLU A 470 -3.38 -13.68 19.64
N TYR A 471 -2.98 -12.46 19.30
CA TYR A 471 -1.79 -12.29 18.46
C TYR A 471 -0.82 -11.19 18.87
N ILE A 472 -1.33 -9.99 19.12
CA ILE A 472 -0.49 -8.86 19.50
C ILE A 472 0.38 -9.11 20.73
N PRO A 473 -0.19 -9.69 21.80
CA PRO A 473 0.59 -9.96 23.02
C PRO A 473 1.89 -10.73 22.75
N LYS A 474 1.80 -11.71 21.86
CA LYS A 474 2.95 -12.54 21.50
C LYS A 474 4.03 -11.73 20.77
N ILE A 475 3.77 -10.46 20.54
CA ILE A 475 4.73 -9.59 19.85
C ILE A 475 5.25 -8.49 20.79
N MET A 476 4.33 -7.90 21.55
CA MET A 476 4.68 -6.84 22.50
C MET A 476 5.61 -7.33 23.60
N GLU A 477 5.98 -8.61 23.53
CA GLU A 477 6.85 -9.20 24.55
C GLU A 477 7.84 -10.20 23.98
N GLU A 478 7.63 -10.62 22.73
CA GLU A 478 8.52 -11.60 22.10
C GLU A 478 9.34 -11.02 20.95
N THR A 479 9.93 -9.84 21.15
CA THR A 479 10.73 -9.20 20.12
C THR A 479 12.03 -8.62 20.70
N HIS A 480 13.01 -8.40 19.83
CA HIS A 480 14.29 -7.83 20.27
C HIS A 480 14.02 -6.44 20.84
N TRP A 481 14.82 -6.04 21.83
CA TRP A 481 14.63 -4.74 22.47
C TRP A 481 14.67 -3.57 21.49
N THR A 482 15.36 -3.75 20.37
CA THR A 482 15.45 -2.67 19.38
C THR A 482 14.12 -2.26 18.74
N VAL A 483 13.06 -3.06 18.93
CA VAL A 483 11.76 -2.67 18.36
C VAL A 483 11.30 -1.39 19.04
N TRP A 484 11.75 -1.18 20.27
CA TRP A 484 11.37 0.01 21.02
C TRP A 484 11.96 1.29 20.44
N ILE A 485 13.04 1.17 19.69
CA ILE A 485 13.64 2.35 19.06
C ILE A 485 12.67 2.85 18.00
N THR A 486 12.17 1.94 17.17
CA THR A 486 11.22 2.32 16.13
C THR A 486 9.89 2.78 16.73
N ARG A 487 9.40 2.07 17.74
CA ARG A 487 8.15 2.45 18.39
C ARG A 487 8.28 3.86 18.95
N PHE A 488 9.39 4.13 19.64
CA PHE A 488 9.63 5.45 20.21
C PHE A 488 9.59 6.50 19.12
N TYR A 489 10.31 6.26 18.03
CA TYR A 489 10.35 7.23 16.95
C TYR A 489 9.00 7.51 16.31
N ILE A 490 8.24 6.47 15.97
CA ILE A 490 6.97 6.74 15.34
C ILE A 490 5.94 7.32 16.29
N ILE A 491 6.08 7.07 17.60
CA ILE A 491 5.15 7.68 18.54
C ILE A 491 5.50 9.17 18.53
N GLY A 492 6.80 9.47 18.42
CA GLY A 492 7.23 10.86 18.36
C GLY A 492 6.67 11.53 17.13
N LEU A 493 6.63 10.80 16.02
CA LEU A 493 6.07 11.35 14.79
C LEU A 493 4.59 11.70 15.01
N PHE A 494 3.88 10.87 15.75
CA PHE A 494 2.47 11.14 16.01
C PHE A 494 2.34 12.42 16.84
N LEU A 495 3.22 12.55 17.83
CA LEU A 495 3.22 13.71 18.71
C LEU A 495 3.47 15.00 17.92
N PHE A 496 4.43 14.93 17.00
CA PHE A 496 4.78 16.06 16.14
C PHE A 496 3.62 16.46 15.24
N LEU A 497 2.95 15.47 14.66
CA LEU A 497 1.81 15.73 13.79
C LEU A 497 0.65 16.34 14.59
N THR A 498 0.48 15.88 15.82
CA THR A 498 -0.57 16.43 16.67
C THR A 498 -0.23 17.90 16.92
N PHE A 499 1.05 18.19 17.14
CA PHE A 499 1.46 19.58 17.38
C PHE A 499 1.14 20.45 16.15
N LEU A 500 1.33 19.90 14.95
CA LEU A 500 1.02 20.65 13.74
C LEU A 500 -0.46 20.91 13.61
N VAL A 501 -1.28 19.95 14.03
CA VAL A 501 -2.73 20.12 13.96
C VAL A 501 -3.13 21.22 14.94
N PHE A 502 -2.45 21.23 16.08
CA PHE A 502 -2.68 22.25 17.11
C PHE A 502 -2.37 23.63 16.52
N LEU A 503 -1.25 23.73 15.80
CA LEU A 503 -0.86 24.99 15.19
C LEU A 503 -1.84 25.43 14.10
N ALA A 504 -2.31 24.47 13.29
CA ALA A 504 -3.27 24.79 12.24
C ALA A 504 -4.55 25.32 12.90
N GLU A 505 -4.87 24.77 14.05
CA GLU A 505 -6.04 25.15 14.84
C GLU A 505 -5.91 26.61 15.27
N ARG A 506 -4.73 26.97 15.75
CA ARG A 506 -4.46 28.33 16.21
C ARG A 506 -4.42 29.33 15.06
N ARG A 507 -3.81 28.95 13.94
CA ARG A 507 -3.74 29.84 12.78
C ARG A 507 -5.16 30.15 12.33
N ARG A 508 -6.01 29.12 12.37
CA ARG A 508 -7.40 29.24 11.96
C ARG A 508 -8.14 30.27 12.80
N ASN A 509 -8.05 30.13 14.12
CA ASN A 509 -8.72 31.06 15.02
C ASN A 509 -8.17 32.48 14.91
N HIS A 510 -6.85 32.59 14.81
CA HIS A 510 -6.21 33.90 14.69
C HIS A 510 -6.63 34.58 13.39
N GLU A 511 -6.90 33.77 12.38
CA GLU A 511 -7.31 34.30 11.08
C GLU A 511 -8.80 34.61 11.07
N SER A 512 -9.57 33.83 11.85
CA SER A 512 -11.01 34.03 11.94
C SER A 512 -11.33 35.26 12.75
N ALA A 513 -10.49 35.54 13.75
CA ALA A 513 -10.67 36.71 14.61
C ALA A 513 -10.41 37.97 13.80
N GLY A 514 -9.49 37.87 12.84
CA GLY A 514 -9.16 39.01 11.99
C GLY A 514 -10.21 39.23 10.93
N THR A 515 -11.21 38.35 10.89
CA THR A 515 -12.30 38.43 9.92
C THR A 515 -13.53 39.03 10.58
N LEU A 516 -13.56 39.00 11.90
CA LEU A 516 -14.69 39.53 12.67
C LEU A 516 -14.21 40.57 13.67
#